data_6S8X
#
_entry.id   6S8X
#
_cell.length_a   62.538
_cell.length_b   68.430
_cell.length_c   172.086
_cell.angle_alpha   90.000
_cell.angle_beta   90.000
_cell.angle_gamma   90.000
#
_symmetry.space_group_name_H-M   'C 2 2 21'
#
loop_
_entity.id
_entity.type
_entity.pdbx_description
1 polymer 'Rab11 family-interacting protein 2'
2 non-polymer HEXANE-1,6-DIOL
3 water water
#
_entity_poly.entity_id   1
_entity_poly.type   'polypeptide(L)'
_entity_poly.pdbx_seq_one_letter_code
;GSHMSNPFDATAGYRSLTYEEVLQELVKHKELLRRKDTHIRELEDYIDNLLVRVMEETPSILRVPYEPSRKAGKFSNS
;
_entity_poly.pdbx_strand_id   A,B,D,E
#
# COMPACT_ATOMS: atom_id res chain seq x y z
N THR A 11 37.64 -42.41 20.44
CA THR A 11 37.21 -42.95 19.16
C THR A 11 35.71 -42.59 19.01
N ALA A 12 34.82 -43.45 19.54
CA ALA A 12 33.42 -43.10 19.75
C ALA A 12 33.36 -41.74 20.44
N GLY A 13 34.22 -41.56 21.45
CA GLY A 13 34.28 -40.27 22.14
C GLY A 13 34.69 -39.12 21.25
N TYR A 14 35.74 -39.33 20.43
CA TYR A 14 36.14 -38.32 19.45
C TYR A 14 34.99 -37.97 18.51
N ARG A 15 34.29 -38.96 17.98
CA ARG A 15 33.13 -38.71 17.12
C ARG A 15 32.06 -37.90 17.84
N SER A 16 31.78 -38.23 19.10
CA SER A 16 30.74 -37.51 19.84
C SER A 16 31.14 -36.08 20.10
N LEU A 17 32.41 -35.84 20.43
CA LEU A 17 32.87 -34.46 20.60
C LEU A 17 32.76 -33.69 19.30
N THR A 18 33.12 -34.32 18.17
CA THR A 18 32.98 -33.67 16.88
C THR A 18 31.53 -33.28 16.61
N TYR A 19 30.61 -34.22 16.84
CA TYR A 19 29.20 -33.96 16.60
C TYR A 19 28.71 -32.81 17.46
N GLU A 20 29.03 -32.85 18.76
CA GLU A 20 28.59 -31.81 19.68
C GLU A 20 29.19 -30.46 19.31
N GLU A 21 30.41 -30.45 18.78
CA GLU A 21 31.05 -29.19 18.42
C GLU A 21 30.36 -28.54 17.23
N VAL A 22 30.04 -29.33 16.19
CA VAL A 22 29.32 -28.76 15.04
C VAL A 22 27.97 -28.25 15.48
N LEU A 23 27.26 -29.04 16.30
CA LEU A 23 25.94 -28.62 16.77
C LEU A 23 26.06 -27.32 17.54
N GLN A 24 27.04 -27.23 18.44
CA GLN A 24 27.19 -26.07 19.29
C GLN A 24 27.47 -24.83 18.46
N GLU A 25 28.38 -24.95 17.49
CA GLU A 25 28.73 -23.79 16.68
C GLU A 25 27.53 -23.29 15.87
N LEU A 26 26.81 -24.21 15.23
CA LEU A 26 25.64 -23.79 14.46
C LEU A 26 24.60 -23.13 15.36
N VAL A 27 24.38 -23.68 16.56
CA VAL A 27 23.40 -23.12 17.48
C VAL A 27 23.85 -21.75 17.96
N LYS A 28 25.15 -21.57 18.22
CA LYS A 28 25.68 -20.26 18.58
C LYS A 28 25.33 -19.21 17.54
N HIS A 29 25.59 -19.53 16.27
CA HIS A 29 25.33 -18.54 15.22
C HIS A 29 23.83 -18.34 15.01
N LYS A 30 23.04 -19.39 15.12
CA LYS A 30 21.59 -19.24 15.05
C LYS A 30 21.08 -18.29 16.13
N GLU A 31 21.63 -18.39 17.33
CA GLU A 31 21.16 -17.55 18.43
C GLU A 31 21.61 -16.09 18.23
N LEU A 32 22.82 -15.88 17.72
CA LEU A 32 23.21 -14.53 17.35
C LEU A 32 22.22 -13.93 16.36
N LEU A 33 21.91 -14.67 15.30
CA LEU A 33 20.98 -14.15 14.29
C LEU A 33 19.59 -13.91 14.89
N ARG A 34 19.16 -14.80 15.80
CA ARG A 34 17.86 -14.64 16.42
C ARG A 34 17.79 -13.34 17.21
N ARG A 35 18.86 -13.03 17.95
CA ARG A 35 18.89 -11.79 18.71
C ARG A 35 18.85 -10.57 17.78
N LYS A 36 19.65 -10.60 16.71
CA LYS A 36 19.58 -9.50 15.75
C LYS A 36 18.17 -9.33 15.18
N ASP A 37 17.50 -10.45 14.87
CA ASP A 37 16.15 -10.41 14.34
C ASP A 37 15.20 -9.76 15.33
N THR A 38 15.30 -10.14 16.61
CA THR A 38 14.48 -9.52 17.64
C THR A 38 14.70 -8.01 17.70
N HIS A 39 15.96 -7.58 17.63
CA HIS A 39 16.28 -6.16 17.70
C HIS A 39 15.69 -5.40 16.51
N ILE A 40 15.82 -5.96 15.31
CA ILE A 40 15.27 -5.29 14.13
C ILE A 40 13.76 -5.21 14.24
N ARG A 41 13.10 -6.28 14.71
CA ARG A 41 11.65 -6.23 14.86
C ARG A 41 11.25 -5.16 15.86
N GLU A 42 12.02 -5.00 16.94
CA GLU A 42 11.74 -3.94 17.90
C GLU A 42 11.80 -2.57 17.24
N LEU A 43 12.82 -2.34 16.42
CA LEU A 43 12.93 -1.04 15.75
C LEU A 43 11.79 -0.84 14.74
N GLU A 44 11.40 -1.89 14.03
CA GLU A 44 10.27 -1.77 13.10
C GLU A 44 8.99 -1.42 13.84
N ASP A 45 8.77 -2.06 15.00
CA ASP A 45 7.60 -1.73 15.80
C ASP A 45 7.66 -0.29 16.30
N TYR A 46 8.84 0.18 16.68
CA TYR A 46 8.99 1.57 17.09
C TYR A 46 8.59 2.53 15.96
N ILE A 47 9.06 2.26 14.74
CA ILE A 47 8.72 3.13 13.61
C ILE A 47 7.22 3.05 13.31
N ASP A 48 6.64 1.85 13.39
CA ASP A 48 5.20 1.70 13.19
C ASP A 48 4.44 2.55 14.18
N ASN A 49 4.88 2.53 15.44
CA ASN A 49 4.22 3.33 16.47
C ASN A 49 4.35 4.82 16.19
N LEU A 50 5.51 5.26 15.69
CA LEU A 50 5.66 6.65 15.32
C LEU A 50 4.72 7.03 14.19
N LEU A 51 4.51 6.12 13.24
CA LEU A 51 3.57 6.39 12.16
C LEU A 51 2.13 6.49 12.69
N VAL A 52 1.78 5.64 13.65
CA VAL A 52 0.47 5.78 14.30
C VAL A 52 0.35 7.14 14.98
N ARG A 53 1.38 7.56 15.70
CA ARG A 53 1.39 8.87 16.33
C ARG A 53 1.21 9.98 15.31
N VAL A 54 1.88 9.86 14.16
CA VAL A 54 1.72 10.85 13.09
C VAL A 54 0.27 10.90 12.62
N MET A 55 -0.36 9.74 12.48
CA MET A 55 -1.79 9.72 12.20
C MET A 55 -2.56 10.51 13.26
N GLU A 56 -2.35 10.19 14.53
CA GLU A 56 -3.06 10.88 15.61
C GLU A 56 -2.78 12.38 15.60
N GLU A 57 -1.60 12.78 15.14
CA GLU A 57 -1.19 14.18 15.17
C GLU A 57 -1.52 14.93 13.89
N THR A 58 -2.27 14.31 12.98
CA THR A 58 -2.49 14.92 11.67
C THR A 58 -3.25 16.22 11.77
N PRO A 59 -4.26 16.39 12.63
CA PRO A 59 -4.92 17.70 12.73
C PRO A 59 -3.95 18.82 13.06
N SER A 60 -2.87 18.53 13.79
CA SER A 60 -1.87 19.55 14.07
C SER A 60 -0.90 19.76 12.91
N ILE A 61 -0.56 18.71 12.17
CA ILE A 61 0.31 18.86 11.03
C ILE A 61 -0.42 19.48 9.84
N LEU A 62 -1.72 19.21 9.69
CA LEU A 62 -2.50 19.71 8.56
C LEU A 62 -3.75 20.42 9.08
N ARG A 63 -4.14 21.50 8.42
CA ARG A 63 -5.35 22.23 8.80
C ARG A 63 -5.92 22.99 7.60
N ALA B 12 -5.02 -24.17 -8.73
CA ALA B 12 -4.53 -23.17 -7.78
C ALA B 12 -3.61 -22.18 -8.50
N GLY B 13 -2.49 -22.69 -9.02
CA GLY B 13 -1.65 -21.88 -9.88
C GLY B 13 -2.35 -21.50 -11.18
N TYR B 14 -2.98 -22.49 -11.82
CA TYR B 14 -3.80 -22.23 -13.00
C TYR B 14 -4.92 -21.23 -12.68
N ARG B 15 -5.61 -21.42 -11.56
CA ARG B 15 -6.65 -20.49 -11.13
C ARG B 15 -6.09 -19.08 -10.97
N SER B 16 -4.93 -18.94 -10.33
CA SER B 16 -4.37 -17.62 -10.07
C SER B 16 -3.95 -16.94 -11.36
N LEU B 17 -3.35 -17.68 -12.29
CA LEU B 17 -3.02 -17.11 -13.58
C LEU B 17 -4.28 -16.65 -14.31
N THR B 18 -5.35 -17.44 -14.25
CA THR B 18 -6.60 -17.05 -14.88
C THR B 18 -7.14 -15.76 -14.29
N TYR B 19 -7.15 -15.68 -12.95
CA TYR B 19 -7.64 -14.48 -12.27
C TYR B 19 -6.83 -13.26 -12.68
N GLU B 20 -5.51 -13.36 -12.60
CA GLU B 20 -4.64 -12.24 -12.93
C GLU B 20 -4.78 -11.85 -14.40
N GLU B 21 -5.02 -12.81 -15.29
CA GLU B 21 -5.18 -12.49 -16.70
C GLU B 21 -6.46 -11.69 -16.93
N VAL B 22 -7.56 -12.12 -16.32
CA VAL B 22 -8.80 -11.35 -16.41
C VAL B 22 -8.56 -9.93 -15.91
N LEU B 23 -7.97 -9.82 -14.72
CA LEU B 23 -7.78 -8.51 -14.11
C LEU B 23 -6.94 -7.61 -14.99
N GLN B 24 -5.83 -8.14 -15.51
CA GLN B 24 -4.91 -7.32 -16.27
C GLN B 24 -5.49 -6.91 -17.62
N GLU B 25 -6.28 -7.78 -18.27
CA GLU B 25 -6.94 -7.35 -19.50
C GLU B 25 -7.94 -6.22 -19.24
N LEU B 26 -8.76 -6.37 -18.19
CA LEU B 26 -9.72 -5.31 -17.87
C LEU B 26 -9.00 -4.01 -17.56
N VAL B 27 -7.89 -4.08 -16.81
CA VAL B 27 -7.15 -2.89 -16.45
C VAL B 27 -6.52 -2.26 -17.69
N LYS B 28 -5.98 -3.09 -18.58
CA LYS B 28 -5.44 -2.60 -19.84
C LYS B 28 -6.43 -1.72 -20.59
N HIS B 29 -7.66 -2.23 -20.77
CA HIS B 29 -8.64 -1.47 -21.56
C HIS B 29 -9.20 -0.27 -20.78
N LYS B 30 -9.33 -0.41 -19.45
CA LYS B 30 -9.68 0.76 -18.63
C LYS B 30 -8.65 1.86 -18.84
N GLU B 31 -7.37 1.52 -18.91
CA GLU B 31 -6.34 2.54 -19.04
C GLU B 31 -6.31 3.16 -20.44
N LEU B 32 -6.54 2.35 -21.49
CA LEU B 32 -6.69 2.93 -22.83
C LEU B 32 -7.83 3.95 -22.85
N LEU B 33 -8.99 3.57 -22.28
CA LEU B 33 -10.11 4.49 -22.24
C LEU B 33 -9.76 5.74 -21.44
N ARG B 34 -9.01 5.58 -20.34
CA ARG B 34 -8.63 6.72 -19.52
C ARG B 34 -7.77 7.70 -20.32
N ARG B 35 -6.82 7.18 -21.10
CA ARG B 35 -5.98 8.05 -21.91
C ARG B 35 -6.80 8.78 -22.96
N LYS B 36 -7.72 8.08 -23.61
CA LYS B 36 -8.60 8.74 -24.58
C LYS B 36 -9.40 9.85 -23.91
N ASP B 37 -9.93 9.59 -22.71
CA ASP B 37 -10.70 10.58 -21.96
C ASP B 37 -9.85 11.81 -21.66
N THR B 38 -8.61 11.60 -21.21
CA THR B 38 -7.70 12.71 -20.96
C THR B 38 -7.50 13.56 -22.22
N HIS B 39 -7.29 12.89 -23.35
CA HIS B 39 -7.05 13.61 -24.60
C HIS B 39 -8.26 14.43 -25.01
N ILE B 40 -9.45 13.86 -24.88
CA ILE B 40 -10.66 14.61 -25.24
C ILE B 40 -10.86 15.79 -24.31
N ARG B 41 -10.58 15.63 -23.01
CA ARG B 41 -10.71 16.75 -22.09
C ARG B 41 -9.72 17.85 -22.43
N GLU B 42 -8.51 17.49 -22.87
CA GLU B 42 -7.55 18.49 -23.32
C GLU B 42 -8.08 19.27 -24.52
N LEU B 43 -8.70 18.58 -25.47
CA LEU B 43 -9.25 19.28 -26.62
C LEU B 43 -10.44 20.16 -26.24
N GLU B 44 -11.27 19.69 -25.31
CA GLU B 44 -12.38 20.53 -24.82
C GLU B 44 -11.85 21.78 -24.15
N ASP B 45 -10.79 21.64 -23.35
CA ASP B 45 -10.17 22.81 -22.72
C ASP B 45 -9.60 23.77 -23.77
N TYR B 46 -9.01 23.21 -24.83
CA TYR B 46 -8.49 24.04 -25.92
C TYR B 46 -9.61 24.85 -26.58
N ILE B 47 -10.75 24.20 -26.86
CA ILE B 47 -11.87 24.92 -27.47
C ILE B 47 -12.42 25.98 -26.50
N ASP B 48 -12.52 25.63 -25.21
CA ASP B 48 -13.00 26.60 -24.23
C ASP B 48 -12.09 27.83 -24.20
N ASN B 49 -10.78 27.60 -24.24
CA ASN B 49 -9.84 28.72 -24.27
C ASN B 49 -10.00 29.55 -25.54
N LEU B 50 -10.25 28.91 -26.68
CA LEU B 50 -10.50 29.69 -27.90
C LEU B 50 -11.76 30.54 -27.78
N LEU B 51 -12.78 30.03 -27.10
CA LEU B 51 -13.98 30.82 -26.87
C LEU B 51 -13.69 32.01 -25.96
N VAL B 52 -12.86 31.81 -24.93
CA VAL B 52 -12.44 32.93 -24.09
C VAL B 52 -11.69 33.97 -24.93
N ARG B 53 -10.80 33.50 -25.81
CA ARG B 53 -10.09 34.40 -26.71
C ARG B 53 -11.06 35.19 -27.58
N VAL B 54 -12.09 34.53 -28.09
CA VAL B 54 -13.08 35.20 -28.92
C VAL B 54 -13.81 36.27 -28.12
N MET B 55 -14.09 35.98 -26.84
CA MET B 55 -14.66 37.01 -25.97
C MET B 55 -13.73 38.20 -25.88
N GLU B 56 -12.45 37.94 -25.58
CA GLU B 56 -11.48 39.02 -25.45
C GLU B 56 -11.35 39.82 -26.73
N GLU B 57 -11.51 39.16 -27.88
CA GLU B 57 -11.31 39.80 -29.17
C GLU B 57 -12.59 40.39 -29.74
N THR B 58 -13.65 40.44 -28.95
CA THR B 58 -14.93 40.94 -29.45
C THR B 58 -14.86 42.38 -29.91
N PRO B 59 -14.11 43.29 -29.28
CA PRO B 59 -14.02 44.65 -29.82
C PRO B 59 -13.52 44.69 -31.26
N SER B 60 -12.64 43.77 -31.64
CA SER B 60 -12.17 43.73 -33.02
C SER B 60 -13.16 43.05 -33.94
N ILE B 61 -13.89 42.06 -33.44
CA ILE B 61 -14.83 41.37 -34.32
C ILE B 61 -16.09 42.21 -34.57
N LEU B 62 -16.46 43.07 -33.63
CA LEU B 62 -17.72 43.81 -33.74
C LEU B 62 -17.56 45.32 -33.85
N ARG B 63 -16.54 45.92 -33.25
CA ARG B 63 -16.25 47.33 -33.50
C ARG B 63 -15.31 47.45 -34.69
N TYR C 14 -23.23 0.08 5.42
CA TYR C 14 -23.99 0.97 4.55
C TYR C 14 -23.32 2.35 4.52
N ARG C 15 -23.23 3.00 5.69
CA ARG C 15 -22.60 4.30 5.78
C ARG C 15 -21.11 4.17 5.51
N SER C 16 -20.55 5.16 4.82
CA SER C 16 -19.11 5.18 4.56
C SER C 16 -18.34 5.54 5.82
N LEU C 17 -17.18 4.90 5.99
CA LEU C 17 -16.33 5.20 7.12
C LEU C 17 -15.63 6.54 6.91
N THR C 18 -15.42 7.27 7.99
CA THR C 18 -14.62 8.48 7.91
C THR C 18 -13.14 8.12 7.74
N TYR C 19 -12.32 9.14 7.48
CA TYR C 19 -10.87 8.97 7.42
C TYR C 19 -10.34 8.30 8.69
N GLU C 20 -10.65 8.87 9.85
CA GLU C 20 -10.17 8.31 11.11
C GLU C 20 -10.58 6.86 11.26
N GLU C 21 -11.77 6.50 10.81
CA GLU C 21 -12.26 5.14 11.04
C GLU C 21 -11.59 4.16 10.10
N VAL C 22 -11.30 4.58 8.87
CA VAL C 22 -10.50 3.74 7.98
C VAL C 22 -9.16 3.44 8.64
N LEU C 23 -8.49 4.49 9.11
CA LEU C 23 -7.17 4.30 9.70
C LEU C 23 -7.26 3.42 10.95
N GLN C 24 -8.27 3.64 11.77
CA GLN C 24 -8.41 2.86 12.99
C GLN C 24 -8.60 1.39 12.66
N GLU C 25 -9.46 1.08 11.70
CA GLU C 25 -9.72 -0.31 11.36
C GLU C 25 -8.47 -0.97 10.79
N LEU C 26 -7.76 -0.28 9.90
CA LEU C 26 -6.56 -0.88 9.33
C LEU C 26 -5.51 -1.12 10.41
N VAL C 27 -5.33 -0.18 11.33
CA VAL C 27 -4.35 -0.37 12.40
C VAL C 27 -4.78 -1.51 13.33
N LYS C 28 -6.08 -1.61 13.65
CA LYS C 28 -6.58 -2.74 14.44
C LYS C 28 -6.20 -4.07 13.80
N HIS C 29 -6.44 -4.21 12.50
CA HIS C 29 -6.12 -5.47 11.84
C HIS C 29 -4.61 -5.70 11.78
N LYS C 30 -3.82 -4.65 11.52
CA LYS C 30 -2.36 -4.78 11.54
C LYS C 30 -1.88 -5.30 12.90
N GLU C 31 -2.48 -4.82 13.98
CA GLU C 31 -2.05 -5.26 15.31
C GLU C 31 -2.49 -6.71 15.59
N LEU C 32 -3.68 -7.10 15.11
CA LEU C 32 -4.06 -8.51 15.18
C LEU C 32 -3.01 -9.39 14.50
N LEU C 33 -2.64 -9.02 13.26
CA LEU C 33 -1.68 -9.81 12.53
C LEU C 33 -0.32 -9.83 13.23
N ARG C 34 0.09 -8.68 13.82
CA ARG C 34 1.34 -8.64 14.56
C ARG C 34 1.33 -9.63 15.71
N ARG C 35 0.20 -9.73 16.42
CA ARG C 35 0.12 -10.69 17.52
C ARG C 35 0.18 -12.11 17.02
N LYS C 36 -0.52 -12.41 15.92
CA LYS C 36 -0.44 -13.76 15.34
C LYS C 36 0.99 -14.10 14.96
N ASP C 37 1.71 -13.14 14.36
CA ASP C 37 3.11 -13.32 13.98
C ASP C 37 3.96 -13.65 15.20
N THR C 38 3.76 -12.89 16.28
CA THR C 38 4.49 -13.16 17.52
C THR C 38 4.25 -14.59 18.00
N HIS C 39 2.99 -15.02 17.98
CA HIS C 39 2.65 -16.36 18.46
C HIS C 39 3.29 -17.44 17.60
N ILE C 40 3.23 -17.28 16.28
CA ILE C 40 3.82 -18.30 15.41
C ILE C 40 5.33 -18.36 15.62
N ARG C 41 5.97 -17.20 15.81
CA ARG C 41 7.40 -17.19 16.08
C ARG C 41 7.72 -17.89 17.39
N GLU C 42 6.88 -17.71 18.41
CA GLU C 42 7.07 -18.43 19.66
C GLU C 42 7.01 -19.94 19.45
N LEU C 43 6.05 -20.39 18.65
CA LEU C 43 5.94 -21.83 18.40
C LEU C 43 7.15 -22.35 17.63
N GLU C 44 7.61 -21.59 16.62
CA GLU C 44 8.81 -21.97 15.90
C GLU C 44 10.00 -22.09 16.83
N ASP C 45 10.14 -21.13 17.75
CA ASP C 45 11.26 -21.16 18.70
C ASP C 45 11.15 -22.38 19.62
N TYR C 46 9.93 -22.71 20.07
CA TYR C 46 9.75 -23.90 20.90
C TYR C 46 10.21 -25.15 20.17
N ILE C 47 9.77 -25.31 18.90
CA ILE C 47 10.12 -26.48 18.13
C ILE C 47 11.64 -26.53 17.91
N ASP C 48 12.23 -25.38 17.60
CA ASP C 48 13.67 -25.32 17.37
C ASP C 48 14.43 -25.77 18.61
N ASN C 49 13.98 -25.31 19.78
CA ASN C 49 14.62 -25.70 21.03
C ASN C 49 14.49 -27.20 21.26
N LEU C 50 13.32 -27.76 20.99
CA LEU C 50 13.16 -29.20 21.16
C LEU C 50 14.09 -29.98 20.25
N LEU C 51 14.22 -29.54 19.00
CA LEU C 51 15.12 -30.22 18.06
C LEU C 51 16.56 -30.13 18.51
N VAL C 52 16.99 -28.95 19.00
CA VAL C 52 18.35 -28.80 19.50
C VAL C 52 18.58 -29.77 20.66
N ARG C 53 17.60 -29.88 21.56
CA ARG C 53 17.77 -30.75 22.73
C ARG C 53 17.80 -32.22 22.33
N VAL C 54 17.01 -32.61 21.33
CA VAL C 54 17.09 -33.98 20.85
C VAL C 54 18.45 -34.24 20.19
N MET C 55 18.95 -33.27 19.41
CA MET C 55 20.23 -33.47 18.73
C MET C 55 21.38 -33.57 19.73
N GLU C 56 21.34 -32.76 20.79
CA GLU C 56 22.42 -32.79 21.79
C GLU C 56 22.54 -34.15 22.43
N GLU C 57 21.41 -34.84 22.64
CA GLU C 57 21.40 -36.12 23.32
C GLU C 57 21.67 -37.28 22.40
N THR C 58 21.84 -37.04 21.10
CA THR C 58 21.92 -38.16 20.16
C THR C 58 23.08 -39.10 20.45
N PRO C 59 24.29 -38.63 20.78
CA PRO C 59 25.38 -39.57 21.07
C PRO C 59 25.08 -40.53 22.22
N SER C 60 24.29 -40.11 23.22
CA SER C 60 23.89 -41.00 24.30
C SER C 60 22.73 -41.90 23.89
N ILE C 61 21.82 -41.41 23.04
CA ILE C 61 20.71 -42.24 22.59
C ILE C 61 21.24 -43.45 21.81
N LEU C 62 22.35 -43.30 21.09
CA LEU C 62 23.07 -44.45 20.54
C LEU C 62 24.06 -44.95 21.59
N LEU D 17 -23.10 45.81 -14.18
CA LEU D 17 -23.60 46.83 -15.09
C LEU D 17 -23.36 46.42 -16.55
N THR D 18 -22.33 45.62 -16.81
CA THR D 18 -21.86 45.46 -18.18
C THR D 18 -21.72 44.00 -18.63
N TYR D 19 -21.70 43.85 -19.96
CA TYR D 19 -21.46 42.59 -20.65
C TYR D 19 -20.19 41.91 -20.18
N GLU D 20 -19.07 42.64 -20.20
CA GLU D 20 -17.80 42.06 -19.82
C GLU D 20 -17.83 41.48 -18.42
N GLU D 21 -18.57 42.11 -17.50
CA GLU D 21 -18.60 41.63 -16.12
C GLU D 21 -19.42 40.35 -16.01
N VAL D 22 -20.52 40.24 -16.75
CA VAL D 22 -21.26 38.98 -16.79
C VAL D 22 -20.34 37.86 -17.28
N LEU D 23 -19.65 38.11 -18.40
CA LEU D 23 -18.78 37.07 -18.96
C LEU D 23 -17.67 36.71 -17.98
N GLN D 24 -17.06 37.71 -17.35
CA GLN D 24 -15.98 37.45 -16.41
C GLN D 24 -16.46 36.59 -15.25
N GLU D 25 -17.63 36.91 -14.69
CA GLU D 25 -18.14 36.15 -13.56
C GLU D 25 -18.45 34.71 -13.95
N LEU D 26 -19.08 34.52 -15.12
CA LEU D 26 -19.36 33.17 -15.57
C LEU D 26 -18.08 32.37 -15.74
N VAL D 27 -17.05 33.00 -16.32
CA VAL D 27 -15.79 32.29 -16.54
C VAL D 27 -15.12 31.97 -15.21
N LYS D 28 -15.21 32.89 -14.24
CA LYS D 28 -14.69 32.61 -12.90
C LYS D 28 -15.31 31.35 -12.33
N HIS D 29 -16.65 31.28 -12.37
CA HIS D 29 -17.34 30.10 -11.83
C HIS D 29 -16.93 28.84 -12.59
N LYS D 30 -16.86 28.92 -13.92
CA LYS D 30 -16.48 27.77 -14.72
C LYS D 30 -15.10 27.26 -14.32
N GLU D 31 -14.16 28.16 -14.06
CA GLU D 31 -12.81 27.74 -13.73
C GLU D 31 -12.73 27.13 -12.33
N LEU D 32 -13.50 27.68 -11.39
CA LEU D 32 -13.60 27.04 -10.08
C LEU D 32 -14.09 25.60 -10.22
N LEU D 33 -15.19 25.42 -10.95
CA LEU D 33 -15.74 24.09 -11.13
C LEU D 33 -14.75 23.17 -11.85
N ARG D 34 -14.00 23.71 -12.82
CA ARG D 34 -13.01 22.91 -13.54
C ARG D 34 -11.94 22.38 -12.59
N ARG D 35 -11.46 23.23 -11.68
CA ARG D 35 -10.46 22.78 -10.71
C ARG D 35 -11.04 21.72 -9.77
N LYS D 36 -12.27 21.93 -9.30
CA LYS D 36 -12.90 20.90 -8.47
C LYS D 36 -13.00 19.58 -9.21
N ASP D 37 -13.38 19.62 -10.50
CA ASP D 37 -13.48 18.43 -11.33
C ASP D 37 -12.15 17.72 -11.43
N THR D 38 -11.08 18.48 -11.65
CA THR D 38 -9.75 17.89 -11.70
C THR D 38 -9.42 17.16 -10.40
N HIS D 39 -9.68 17.81 -9.26
CA HIS D 39 -9.36 17.20 -7.97
C HIS D 39 -10.16 15.92 -7.74
N ILE D 40 -11.45 15.93 -8.08
CA ILE D 40 -12.24 14.73 -7.87
C ILE D 40 -11.76 13.60 -8.78
N ARG D 41 -11.40 13.91 -10.02
CA ARG D 41 -10.87 12.87 -10.90
C ARG D 41 -9.57 12.31 -10.34
N GLU D 42 -8.72 13.16 -9.75
CA GLU D 42 -7.52 12.68 -9.08
C GLU D 42 -7.86 11.64 -8.03
N LEU D 43 -8.84 11.98 -7.19
CA LEU D 43 -9.18 11.07 -6.09
C LEU D 43 -9.79 9.77 -6.61
N GLU D 44 -10.63 9.86 -7.66
CA GLU D 44 -11.18 8.66 -8.26
C GLU D 44 -10.08 7.76 -8.81
N ASP D 45 -9.09 8.35 -9.48
CA ASP D 45 -7.98 7.58 -10.01
C ASP D 45 -7.18 6.92 -8.89
N TYR D 46 -7.00 7.63 -7.78
CA TYR D 46 -6.30 7.09 -6.62
C TYR D 46 -7.04 5.88 -6.07
N ILE D 47 -8.37 5.99 -5.92
CA ILE D 47 -9.14 4.87 -5.40
C ILE D 47 -9.10 3.70 -6.37
N ASP D 48 -9.22 3.97 -7.68
CA ASP D 48 -9.17 2.92 -8.68
C ASP D 48 -7.85 2.15 -8.57
N ASN D 49 -6.74 2.88 -8.44
CA ASN D 49 -5.45 2.24 -8.31
C ASN D 49 -5.38 1.37 -7.05
N LEU D 50 -5.91 1.86 -5.94
CA LEU D 50 -5.93 1.04 -4.72
C LEU D 50 -6.73 -0.24 -4.94
N LEU D 51 -7.88 -0.15 -5.62
CA LEU D 51 -8.67 -1.33 -5.89
C LEU D 51 -7.90 -2.32 -6.75
N VAL D 52 -7.18 -1.83 -7.77
CA VAL D 52 -6.37 -2.70 -8.61
C VAL D 52 -5.31 -3.41 -7.77
N ARG D 53 -4.62 -2.65 -6.91
CA ARG D 53 -3.59 -3.24 -6.06
C ARG D 53 -4.16 -4.31 -5.13
N VAL D 54 -5.33 -4.05 -4.55
CA VAL D 54 -5.92 -5.04 -3.65
C VAL D 54 -6.30 -6.30 -4.42
N MET D 55 -6.83 -6.12 -5.64
CA MET D 55 -7.23 -7.28 -6.43
C MET D 55 -6.03 -8.10 -6.85
N GLU D 56 -4.89 -7.46 -7.16
CA GLU D 56 -3.70 -8.21 -7.53
C GLU D 56 -3.21 -9.08 -6.38
N GLU D 57 -3.40 -8.63 -5.14
CA GLU D 57 -2.91 -9.37 -3.98
C GLU D 57 -3.86 -10.49 -3.56
N THR D 58 -5.04 -10.59 -4.16
CA THR D 58 -6.06 -11.52 -3.64
C THR D 58 -5.58 -12.96 -3.65
N PRO D 59 -4.93 -13.47 -4.69
CA PRO D 59 -4.51 -14.88 -4.64
C PRO D 59 -3.52 -15.19 -3.52
N SER D 60 -2.66 -14.25 -3.11
CA SER D 60 -1.79 -14.46 -1.96
C SER D 60 -2.56 -14.24 -0.67
N ILE D 61 -3.42 -13.20 -0.65
CA ILE D 61 -4.21 -12.92 0.53
C ILE D 61 -5.02 -14.15 0.89
N LEU D 62 -5.34 -14.99 -0.10
CA LEU D 62 -6.26 -16.10 0.12
C LEU D 62 -5.62 -17.48 0.00
N ARG D 63 -4.34 -17.57 -0.28
CA ARG D 63 -3.59 -18.79 -0.03
C ARG D 63 -2.34 -18.43 0.79
#